data_5WVN
#
_entry.id   5WVN
#
_cell.length_a   119.084
_cell.length_b   119.084
_cell.length_c   147.011
_cell.angle_alpha   90.00
_cell.angle_beta   90.00
_cell.angle_gamma   90.00
#
_symmetry.space_group_name_H-M   'P 43 21 2'
#
loop_
_entity.id
_entity.type
_entity.pdbx_description
1 polymer 'Maltose-binding periplasmic protein,Two-component system sensor kinase'
2 non-polymer 'SULFATE ION'
3 water water
#
_entity_poly.entity_id   1
_entity_poly.type   'polypeptide(L)'
_entity_poly.pdbx_seq_one_letter_code
;MGKIEEGKLVIWINGDKGYNGLAEVGKKFEKDTGIKVTVEHPDKLEEKFPQVAATGDGPDIIFWAHDRFGGYAQSGLLAE
ITPDKAFQDKLYPFTWDAVRYNGKLIAYPIAVEALSLIYNKDLLPNPPKTWEEIPALDKELKAKGKSALMFNLQEPYFTW
PLIAADGGYAFKYENGKYDIKDVGVDNAGAKAGLTFLVDLIKNKHMNADTDYSIAEAAFNKGETAMTINGPWAWSNIDTS
KVNYGVTVLPTFKGQPSKPFVGVLSAGINAASPNKELAKEFLENYLLTDEGLEAVNKDKPLGAVALKSYEEELAKDPRIA
ATMENAQKGEIMPNIPQMSAFWYAVRTAVINAASGRQTVDEALKDAQTNAAAHMRGFIDYIKSSNEQRINMLSEALEEQY
SHHGNWIFLRNNDQVVYQIMRSFEQNSDSSHNLPPKGWRTQFWVVDSQFNRLVGHSGPLPKEGPRHPIRYNNEIVGWVLT
TPVERLTRNTDINFDRQQRRTLEHHHHHH
;
_entity_poly.pdbx_strand_id   A
#
# COMPACT_ATOMS: atom_id res chain seq x y z
N ILE A 4 4.16 7.00 25.99
CA ILE A 4 4.90 7.88 25.08
C ILE A 4 5.04 9.22 25.74
N GLU A 5 6.28 9.72 25.81
CA GLU A 5 6.57 10.93 26.59
C GLU A 5 6.17 12.19 25.84
N GLU A 6 5.63 13.17 26.57
CA GLU A 6 5.31 14.47 26.01
C GLU A 6 6.56 15.34 25.94
N GLY A 7 6.66 16.15 24.90
CA GLY A 7 7.72 17.13 24.81
C GLY A 7 9.02 16.64 24.22
N LYS A 8 9.07 15.43 23.65
CA LYS A 8 10.11 15.05 22.72
C LYS A 8 9.48 14.48 21.46
N LEU A 9 10.30 14.25 20.45
CA LEU A 9 9.89 13.51 19.27
C LEU A 9 10.78 12.29 19.14
N VAL A 10 10.17 11.11 19.21
CA VAL A 10 10.81 9.86 18.82
C VAL A 10 10.41 9.56 17.38
N ILE A 11 11.39 9.35 16.52
CA ILE A 11 11.14 9.12 15.10
C ILE A 11 11.75 7.80 14.66
N TRP A 12 10.99 7.01 13.88
CA TRP A 12 11.47 5.76 13.30
C TRP A 12 11.64 5.89 11.79
N ILE A 13 12.76 5.40 11.28
CA ILE A 13 12.97 5.30 9.84
C ILE A 13 13.75 4.02 9.57
N ASN A 14 13.52 3.41 8.41
CA ASN A 14 14.17 2.15 8.14
C ASN A 14 15.69 2.35 8.07
N GLY A 15 16.43 1.35 8.56
CA GLY A 15 17.88 1.42 8.59
C GLY A 15 18.56 1.60 7.24
N ASP A 16 17.85 1.38 6.13
CA ASP A 16 18.41 1.54 4.80
C ASP A 16 17.99 2.85 4.13
N LYS A 17 17.02 3.56 4.69
CA LYS A 17 16.79 4.92 4.29
C LYS A 17 17.83 5.80 4.99
N GLY A 18 17.81 7.11 4.73
CA GLY A 18 18.91 7.94 5.18
C GLY A 18 18.82 8.43 6.61
N TYR A 19 19.15 7.58 7.58
CA TYR A 19 18.78 7.89 8.96
C TYR A 19 19.70 8.91 9.61
N ASN A 20 20.98 8.96 9.25
CA ASN A 20 21.81 10.04 9.79
C ASN A 20 21.43 11.36 9.15
N GLY A 21 21.17 11.36 7.85
CA GLY A 21 20.71 12.57 7.20
C GLY A 21 19.45 13.13 7.85
N LEU A 22 18.53 12.24 8.23
CA LEU A 22 17.33 12.70 8.94
C LEU A 22 17.68 13.14 10.36
N ALA A 23 18.63 12.44 11.01
CA ALA A 23 19.01 12.79 12.38
C ALA A 23 19.63 14.19 12.44
N GLU A 24 20.20 14.65 11.34
CA GLU A 24 20.69 16.02 11.32
C GLU A 24 19.55 17.02 11.21
N VAL A 25 18.52 16.74 10.41
CA VAL A 25 17.31 17.57 10.50
C VAL A 25 16.77 17.57 11.92
N GLY A 26 16.99 16.49 12.66
CA GLY A 26 16.57 16.44 14.05
C GLY A 26 17.36 17.40 14.92
N LYS A 27 18.69 17.46 14.72
CA LYS A 27 19.53 18.35 15.51
C LYS A 27 19.11 19.81 15.34
N LYS A 28 18.88 20.23 14.10
CA LYS A 28 18.43 21.59 13.85
C LYS A 28 17.19 21.90 14.67
N PHE A 29 16.15 21.07 14.51
CA PHE A 29 14.91 21.28 15.26
C PHE A 29 15.18 21.28 16.75
N GLU A 30 16.08 20.41 17.21
CA GLU A 30 16.41 20.41 18.61
C GLU A 30 17.22 21.65 18.99
N LYS A 31 18.01 22.20 18.05
CA LYS A 31 18.74 23.44 18.29
C LYS A 31 17.77 24.61 18.50
N ASP A 32 16.79 24.75 17.60
CA ASP A 32 15.82 25.83 17.69
C ASP A 32 14.92 25.66 18.91
N THR A 33 14.28 24.52 19.03
CA THR A 33 13.15 24.37 19.93
C THR A 33 13.54 23.92 21.33
N GLY A 34 14.76 23.43 21.53
CA GLY A 34 15.06 22.79 22.79
C GLY A 34 14.33 21.50 23.04
N ILE A 35 13.55 21.00 22.07
CA ILE A 35 12.87 19.71 22.15
C ILE A 35 13.83 18.59 21.74
N LYS A 36 13.94 17.57 22.60
CA LYS A 36 14.77 16.41 22.28
C LYS A 36 14.16 15.66 21.09
N VAL A 37 14.94 15.48 20.03
CA VAL A 37 14.55 14.61 18.93
C VAL A 37 15.46 13.41 18.94
N THR A 38 14.89 12.21 19.00
CA THR A 38 15.65 10.96 18.85
C THR A 38 15.22 10.20 17.60
N VAL A 39 16.15 9.99 16.68
CA VAL A 39 15.89 9.24 15.45
C VAL A 39 16.37 7.81 15.63
N GLU A 40 15.47 6.84 15.49
CA GLU A 40 15.83 5.45 15.62
C GLU A 40 15.55 4.70 14.32
N HIS A 41 16.11 3.50 14.21
CA HIS A 41 15.89 2.61 13.06
C HIS A 41 15.85 1.17 13.56
N PRO A 42 14.75 0.77 14.19
CA PRO A 42 14.69 -0.58 14.74
C PRO A 42 14.65 -1.60 13.62
N ASP A 43 14.96 -2.86 13.97
CA ASP A 43 14.78 -3.93 13.01
C ASP A 43 13.30 -4.22 12.86
N LYS A 44 12.87 -4.51 11.64
CA LYS A 44 11.52 -4.97 11.39
C LYS A 44 10.53 -3.93 11.90
N LEU A 45 10.83 -2.67 11.64
CA LEU A 45 10.00 -1.62 12.20
C LEU A 45 8.61 -1.62 11.59
N GLU A 46 8.47 -1.98 10.31
CA GLU A 46 7.15 -2.04 9.72
C GLU A 46 6.28 -3.08 10.42
N GLU A 47 6.90 -4.17 10.89
CA GLU A 47 6.17 -5.19 11.65
C GLU A 47 5.92 -4.71 13.07
N LYS A 48 6.92 -4.08 13.70
CA LYS A 48 6.78 -3.69 15.10
C LYS A 48 5.78 -2.55 15.26
N PHE A 49 5.70 -1.63 14.30
CA PHE A 49 4.88 -0.44 14.52
C PHE A 49 3.45 -0.76 14.91
N PRO A 50 2.71 -1.62 14.22
CA PRO A 50 1.34 -1.90 14.67
C PRO A 50 1.29 -2.54 16.05
N GLN A 51 2.37 -3.22 16.46
CA GLN A 51 2.32 -3.97 17.70
C GLN A 51 2.56 -3.04 18.89
N VAL A 52 3.43 -2.06 18.75
CA VAL A 52 3.86 -1.24 19.87
C VAL A 52 3.28 0.16 19.81
N ALA A 53 2.34 0.41 18.89
CA ALA A 53 1.94 1.79 18.61
C ALA A 53 1.33 2.46 19.84
N ALA A 54 0.28 1.85 20.41
CA ALA A 54 -0.41 2.42 21.57
C ALA A 54 0.46 2.48 22.81
N THR A 55 1.34 1.50 22.99
CA THR A 55 2.09 1.33 24.24
C THR A 55 3.15 2.42 24.37
N GLY A 56 3.97 2.31 25.42
CA GLY A 56 4.92 3.36 25.79
C GLY A 56 6.15 3.44 24.91
N ASP A 57 6.46 2.38 24.17
CA ASP A 57 7.59 2.40 23.26
C ASP A 57 7.21 2.79 21.83
N GLY A 58 6.00 3.35 21.60
CA GLY A 58 5.59 3.82 20.30
C GLY A 58 6.33 5.07 19.87
N PRO A 59 6.57 5.23 18.57
CA PRO A 59 7.22 6.44 18.05
C PRO A 59 6.21 7.55 17.77
N ASP A 60 6.72 8.78 17.68
CA ASP A 60 5.82 9.88 17.37
C ASP A 60 5.62 10.04 15.89
N ILE A 61 6.67 9.76 15.12
CA ILE A 61 6.62 9.78 13.66
C ILE A 61 7.22 8.48 13.17
N ILE A 62 6.57 7.85 12.18
CA ILE A 62 7.11 6.68 11.48
C ILE A 62 7.32 7.02 10.00
N PHE A 63 8.51 6.72 9.50
CA PHE A 63 8.83 6.75 8.07
C PHE A 63 8.83 5.32 7.52
N TRP A 64 7.88 5.02 6.64
CA TRP A 64 7.87 3.67 6.07
C TRP A 64 7.78 3.74 4.57
N ALA A 65 8.51 2.85 3.90
CA ALA A 65 8.46 2.76 2.45
C ALA A 65 7.42 1.72 2.07
N HIS A 66 6.50 2.09 1.19
CA HIS A 66 5.44 1.15 0.93
C HIS A 66 4.87 1.34 -0.46
N ASP A 67 3.98 0.42 -0.80
CA ASP A 67 3.76 -0.08 -2.14
C ASP A 67 2.29 -0.36 -2.28
N ARG A 68 1.68 -0.74 -1.17
CA ARG A 68 0.24 -0.78 -0.96
C ARG A 68 -0.10 0.38 -0.04
N PHE A 69 -1.40 0.65 0.10
CA PHE A 69 -1.83 1.89 0.73
C PHE A 69 -3.07 1.67 1.58
N GLY A 70 -3.04 2.24 2.78
CA GLY A 70 -4.18 2.27 3.67
C GLY A 70 -4.07 1.34 4.85
N GLY A 71 -3.08 0.45 4.87
CA GLY A 71 -2.93 -0.49 5.95
C GLY A 71 -2.90 0.10 7.35
N TYR A 72 -1.92 0.98 7.65
CA TYR A 72 -1.82 1.54 8.99
C TYR A 72 -3.02 2.42 9.32
N ALA A 73 -3.45 3.24 8.33
CA ALA A 73 -4.64 4.07 8.52
C ALA A 73 -5.84 3.24 8.93
N GLN A 74 -6.12 2.17 8.19
CA GLN A 74 -7.30 1.34 8.47
C GLN A 74 -7.24 0.73 9.87
N SER A 75 -6.04 0.47 10.41
CA SER A 75 -5.93 -0.04 11.77
C SER A 75 -6.12 1.04 12.83
N GLY A 76 -6.39 2.30 12.46
CA GLY A 76 -6.56 3.35 13.44
C GLY A 76 -5.25 3.84 14.05
N LEU A 77 -4.13 3.61 13.36
CA LEU A 77 -2.81 3.84 13.89
C LEU A 77 -2.27 5.24 13.62
N LEU A 78 -2.85 5.98 12.70
CA LEU A 78 -2.25 7.23 12.24
C LEU A 78 -3.19 8.39 12.53
N ALA A 79 -2.62 9.49 12.99
CA ALA A 79 -3.37 10.70 13.16
C ALA A 79 -3.66 11.33 11.82
N GLU A 80 -4.80 11.97 11.72
CA GLU A 80 -5.09 12.80 10.57
C GLU A 80 -4.20 14.04 10.63
N ILE A 81 -3.34 14.19 9.63
CA ILE A 81 -2.51 15.38 9.52
C ILE A 81 -3.36 16.55 9.04
N THR A 82 -2.86 17.76 9.26
CA THR A 82 -3.65 18.98 9.01
C THR A 82 -2.80 20.07 8.37
N PRO A 83 -2.23 19.83 7.18
CA PRO A 83 -1.65 20.96 6.44
C PRO A 83 -2.74 21.86 5.87
N ASP A 84 -2.50 23.17 5.96
CA ASP A 84 -3.38 24.15 5.33
C ASP A 84 -3.12 24.17 3.83
N LYS A 85 -4.06 24.79 3.09
CA LYS A 85 -4.02 24.70 1.63
C LYS A 85 -2.72 25.28 1.07
N ALA A 86 -2.14 26.26 1.76
CA ALA A 86 -0.84 26.75 1.34
C ALA A 86 0.19 25.62 1.30
N PHE A 87 0.23 24.78 2.35
CA PHE A 87 1.24 23.73 2.39
C PHE A 87 0.95 22.66 1.34
N GLN A 88 -0.30 22.21 1.23
CA GLN A 88 -0.66 21.21 0.23
C GLN A 88 -0.18 21.58 -1.17
N ASP A 89 0.03 22.86 -1.45
CA ASP A 89 0.49 23.23 -2.77
C ASP A 89 1.99 23.13 -2.93
N LYS A 90 2.74 23.03 -1.83
CA LYS A 90 4.18 22.79 -1.95
C LYS A 90 4.48 21.41 -2.50
N LEU A 91 3.45 20.57 -2.70
CA LEU A 91 3.59 19.15 -2.99
C LEU A 91 2.62 18.77 -4.11
N TYR A 92 3.04 17.82 -4.96
CA TYR A 92 2.25 17.43 -6.11
C TYR A 92 0.88 16.86 -5.69
N PRO A 93 -0.16 17.09 -6.50
CA PRO A 93 -1.50 16.66 -6.08
C PRO A 93 -1.70 15.15 -6.04
N PHE A 94 -1.03 14.37 -6.89
CA PHE A 94 -1.27 12.92 -6.83
C PHE A 94 -0.62 12.31 -5.60
N THR A 95 0.50 12.86 -5.15
CA THR A 95 1.14 12.29 -3.97
C THR A 95 0.27 12.46 -2.73
N TRP A 96 -0.56 13.50 -2.66
CA TRP A 96 -1.50 13.60 -1.55
C TRP A 96 -2.58 12.52 -1.61
N ASP A 97 -2.95 12.04 -2.81
CA ASP A 97 -3.94 10.97 -2.87
C ASP A 97 -3.36 9.62 -2.55
N ALA A 98 -2.04 9.47 -2.66
CA ALA A 98 -1.40 8.27 -2.14
C ALA A 98 -1.58 8.16 -0.63
N VAL A 99 -1.72 9.29 0.05
CA VAL A 99 -1.80 9.33 1.50
C VAL A 99 -3.17 9.75 2.00
N ARG A 100 -4.18 9.81 1.14
CA ARG A 100 -5.51 10.13 1.63
C ARG A 100 -6.28 8.83 1.86
N TYR A 101 -6.82 8.67 3.04
CA TYR A 101 -7.48 7.42 3.39
C TYR A 101 -8.90 7.75 3.80
N ASN A 102 -9.85 7.33 2.97
CA ASN A 102 -11.27 7.54 3.20
C ASN A 102 -11.62 9.02 3.39
N GLY A 103 -10.97 9.88 2.61
CA GLY A 103 -11.24 11.31 2.59
C GLY A 103 -10.28 12.14 3.40
N LYS A 104 -9.73 11.58 4.47
CA LYS A 104 -8.84 12.27 5.37
C LYS A 104 -7.38 11.98 5.02
N LEU A 105 -6.54 13.03 5.06
CA LEU A 105 -5.10 12.86 4.86
C LEU A 105 -4.47 12.25 6.11
N ILE A 106 -3.62 11.23 5.94
CA ILE A 106 -3.09 10.50 7.08
C ILE A 106 -1.57 10.42 7.09
N ALA A 107 -0.88 11.04 6.15
CA ALA A 107 0.58 11.04 6.20
C ALA A 107 1.13 12.05 5.19
N TYR A 108 2.42 12.40 5.35
CA TYR A 108 3.09 13.34 4.46
C TYR A 108 3.87 12.58 3.41
N PRO A 109 3.55 12.71 2.13
CA PRO A 109 4.44 12.15 1.09
C PRO A 109 5.83 12.76 1.17
N ILE A 110 6.85 11.88 1.20
CA ILE A 110 8.24 12.33 1.15
C ILE A 110 8.78 12.10 -0.26
N ALA A 111 9.04 10.84 -0.62
CA ALA A 111 9.60 10.44 -1.90
C ALA A 111 8.63 9.54 -2.65
N VAL A 112 8.93 9.28 -3.92
CA VAL A 112 8.04 8.54 -4.81
C VAL A 112 8.88 7.66 -5.73
N GLU A 113 8.29 6.55 -6.19
CA GLU A 113 9.02 5.57 -6.99
C GLU A 113 8.06 4.86 -7.94
N ALA A 114 8.59 4.51 -9.12
CA ALA A 114 7.83 3.68 -10.05
C ALA A 114 8.77 3.08 -11.10
N LEU A 115 8.20 2.19 -11.92
CA LEU A 115 8.89 1.64 -13.08
C LEU A 115 8.99 2.68 -14.19
N SER A 116 10.11 2.65 -14.92
CA SER A 116 10.26 3.48 -16.10
C SER A 116 10.73 2.64 -17.29
N LEU A 117 10.60 3.24 -18.48
CA LEU A 117 11.21 2.71 -19.69
C LEU A 117 12.67 3.14 -19.76
N ILE A 118 13.58 2.18 -19.70
CA ILE A 118 15.00 2.41 -19.89
C ILE A 118 15.33 2.00 -21.31
N TYR A 119 16.32 2.65 -21.91
CA TYR A 119 16.71 2.36 -23.27
C TYR A 119 18.15 2.66 -23.53
N ASN A 120 18.68 2.07 -24.59
CA ASN A 120 20.05 2.30 -24.97
C ASN A 120 20.05 3.41 -25.98
N LYS A 121 20.74 4.48 -25.65
CA LYS A 121 20.79 5.62 -26.53
C LYS A 121 21.45 5.32 -27.87
N ASP A 122 22.53 4.56 -27.85
CA ASP A 122 23.20 4.21 -29.08
C ASP A 122 22.36 3.36 -30.01
N LEU A 123 21.81 2.27 -29.54
CA LEU A 123 20.98 1.48 -30.40
C LEU A 123 19.77 2.31 -30.72
N LEU A 124 19.28 3.02 -29.73
CA LEU A 124 18.12 3.85 -29.92
C LEU A 124 18.01 5.20 -29.31
N PRO A 125 18.37 6.23 -30.05
CA PRO A 125 18.32 7.61 -29.60
C PRO A 125 16.93 8.19 -29.42
N ASN A 126 15.96 7.50 -29.97
CA ASN A 126 14.60 7.92 -29.89
C ASN A 126 13.87 6.75 -29.34
N PRO A 127 13.31 6.86 -28.16
CA PRO A 127 12.51 5.76 -27.61
C PRO A 127 11.09 5.90 -28.02
N PRO A 128 10.42 4.74 -28.32
CA PRO A 128 9.04 4.92 -28.74
C PRO A 128 8.11 5.50 -27.72
N LYS A 129 7.23 6.39 -28.12
CA LYS A 129 6.31 6.97 -27.18
C LYS A 129 5.09 6.08 -27.05
N THR A 130 4.98 5.08 -27.90
CA THR A 130 3.82 4.23 -27.79
C THR A 130 4.15 2.79 -27.92
N TRP A 131 3.27 1.97 -27.38
CA TRP A 131 3.47 0.52 -27.47
C TRP A 131 3.21 0.03 -28.88
N GLU A 132 2.12 0.49 -29.50
CA GLU A 132 1.72 -0.02 -30.81
C GLU A 132 2.79 0.19 -31.87
N GLU A 133 3.69 1.15 -31.70
CA GLU A 133 4.72 1.33 -32.70
C GLU A 133 5.92 0.40 -32.50
N ILE A 134 6.02 -0.27 -31.35
CA ILE A 134 7.19 -1.06 -30.96
C ILE A 134 7.49 -2.26 -31.85
N PRO A 135 6.52 -3.07 -32.28
CA PRO A 135 6.88 -4.22 -33.16
C PRO A 135 7.44 -3.79 -34.51
N ALA A 136 7.07 -2.62 -35.02
CA ALA A 136 7.84 -2.00 -36.09
C ALA A 136 9.30 -1.79 -35.64
N LEU A 137 9.53 -1.04 -34.55
CA LEU A 137 10.89 -0.90 -34.00
C LEU A 137 11.64 -2.21 -34.06
N ASP A 138 10.95 -3.33 -33.75
CA ASP A 138 11.64 -4.60 -33.50
C ASP A 138 12.27 -5.20 -34.77
N LYS A 139 11.58 -5.11 -35.91
CA LYS A 139 12.13 -5.71 -37.11
C LYS A 139 13.38 -4.96 -37.56
N GLU A 140 13.33 -3.63 -37.52
CA GLU A 140 14.49 -2.81 -37.86
C GLU A 140 15.76 -3.28 -37.16
N LEU A 141 15.69 -3.60 -35.87
CA LEU A 141 16.94 -3.88 -35.15
C LEU A 141 17.19 -5.36 -34.92
N LYS A 142 16.15 -6.18 -35.04
CA LYS A 142 16.44 -7.59 -35.23
C LYS A 142 17.45 -7.73 -36.37
N ALA A 143 17.31 -6.89 -37.40
CA ALA A 143 18.25 -6.86 -38.50
C ALA A 143 19.67 -6.58 -38.04
N LYS A 144 19.86 -5.90 -36.90
CA LYS A 144 21.20 -5.61 -36.41
C LYS A 144 21.76 -6.71 -35.51
N GLY A 145 21.02 -7.79 -35.26
CA GLY A 145 21.45 -8.77 -34.29
C GLY A 145 21.13 -8.42 -32.86
N LYS A 146 20.22 -7.47 -32.66
CA LYS A 146 19.74 -6.99 -31.37
C LYS A 146 18.22 -7.23 -31.28
N SER A 147 17.68 -6.98 -30.09
CA SER A 147 16.25 -7.04 -29.82
C SER A 147 15.76 -5.66 -29.41
N ALA A 148 14.46 -5.41 -29.60
CA ALA A 148 13.88 -4.12 -29.25
C ALA A 148 13.76 -3.91 -27.75
N LEU A 149 13.15 -4.87 -27.06
CA LEU A 149 12.65 -4.72 -25.69
C LEU A 149 12.73 -6.06 -24.98
N MET A 150 13.15 -6.04 -23.72
CA MET A 150 13.25 -7.25 -22.93
C MET A 150 13.04 -6.89 -21.47
N PHE A 151 11.98 -7.44 -20.85
CA PHE A 151 11.70 -7.15 -19.46
C PHE A 151 11.01 -8.37 -18.85
N ASN A 152 11.09 -8.44 -17.52
CA ASN A 152 10.51 -9.56 -16.77
C ASN A 152 9.03 -9.73 -17.09
N LEU A 153 8.70 -10.74 -17.88
CA LEU A 153 7.30 -11.04 -18.14
C LEU A 153 6.70 -11.97 -17.09
N GLN A 154 7.52 -12.61 -16.25
CA GLN A 154 7.01 -13.62 -15.33
C GLN A 154 6.13 -13.04 -14.22
N GLU A 155 6.21 -11.74 -13.93
CA GLU A 155 5.64 -11.14 -12.72
C GLU A 155 4.62 -10.05 -13.06
N PRO A 156 3.43 -10.09 -12.45
CA PRO A 156 2.44 -9.04 -12.74
C PRO A 156 2.92 -7.62 -12.43
N TYR A 157 3.90 -7.45 -11.55
CA TYR A 157 4.48 -6.14 -11.31
C TYR A 157 4.91 -5.49 -12.62
N PHE A 158 5.56 -6.25 -13.50
CA PHE A 158 6.01 -5.68 -14.76
C PHE A 158 4.95 -5.72 -15.86
N THR A 159 4.07 -6.72 -15.89
CA THR A 159 3.15 -6.81 -17.01
C THR A 159 1.82 -6.10 -16.77
N TRP A 160 1.46 -5.81 -15.53
CA TRP A 160 0.18 -5.17 -15.27
C TRP A 160 0.09 -3.71 -15.71
N PRO A 161 1.19 -2.93 -15.81
CA PRO A 161 1.02 -1.57 -16.34
C PRO A 161 0.46 -1.54 -17.76
N LEU A 162 0.88 -2.49 -18.60
CA LEU A 162 0.26 -2.65 -19.92
C LEU A 162 -1.19 -3.08 -19.78
N ILE A 163 -1.42 -4.19 -19.07
CA ILE A 163 -2.76 -4.76 -18.94
C ILE A 163 -3.75 -3.80 -18.29
N ALA A 164 -3.29 -2.80 -17.57
CA ALA A 164 -4.22 -1.89 -16.92
C ALA A 164 -4.33 -0.54 -17.61
N ALA A 165 -3.45 -0.23 -18.58
CA ALA A 165 -3.49 1.07 -19.24
C ALA A 165 -4.85 1.32 -19.87
N ASP A 166 -5.37 0.35 -20.61
CA ASP A 166 -6.61 0.52 -21.34
C ASP A 166 -7.85 0.17 -20.50
N GLY A 167 -7.71 0.01 -19.19
CA GLY A 167 -8.88 -0.19 -18.37
C GLY A 167 -8.87 -1.41 -17.45
N GLY A 168 -7.76 -2.14 -17.38
CA GLY A 168 -7.67 -3.22 -16.42
C GLY A 168 -7.57 -2.69 -15.01
N TYR A 169 -8.28 -3.34 -14.08
CA TYR A 169 -8.21 -2.89 -12.70
C TYR A 169 -8.35 -4.05 -11.72
N ALA A 170 -7.70 -3.92 -10.57
CA ALA A 170 -7.83 -4.95 -9.54
C ALA A 170 -9.19 -4.89 -8.86
N PHE A 171 -9.50 -3.77 -8.23
CA PHE A 171 -10.82 -3.55 -7.65
C PHE A 171 -11.35 -2.22 -8.16
N LYS A 172 -12.64 -2.18 -8.46
CA LYS A 172 -13.23 -0.93 -8.93
C LYS A 172 -13.31 0.06 -7.78
N TYR A 173 -12.84 1.28 -8.02
CA TYR A 173 -12.79 2.32 -7.00
C TYR A 173 -13.79 3.42 -7.38
N GLU A 174 -14.93 3.44 -6.69
CA GLU A 174 -15.95 4.48 -6.83
C GLU A 174 -16.35 4.95 -5.43
N ASN A 175 -16.52 6.27 -5.27
CA ASN A 175 -16.99 6.87 -4.01
C ASN A 175 -15.95 6.74 -2.89
N GLY A 176 -14.68 6.87 -3.23
CA GLY A 176 -13.62 6.78 -2.22
C GLY A 176 -13.50 5.43 -1.54
N LYS A 177 -14.13 4.40 -2.15
CA LYS A 177 -14.08 3.04 -1.64
C LYS A 177 -13.60 2.10 -2.74
N TYR A 178 -12.94 1.02 -2.34
CA TYR A 178 -12.65 -0.08 -3.25
C TYR A 178 -13.72 -1.15 -3.07
N ASP A 179 -14.29 -1.61 -4.19
CA ASP A 179 -15.32 -2.64 -4.14
C ASP A 179 -14.62 -3.95 -4.44
N ILE A 180 -14.46 -4.79 -3.41
CA ILE A 180 -13.65 -5.98 -3.60
C ILE A 180 -14.45 -7.10 -4.26
N LYS A 181 -15.76 -6.93 -4.41
CA LYS A 181 -16.55 -7.86 -5.20
C LYS A 181 -16.42 -7.58 -6.70
N ASP A 182 -16.24 -6.31 -7.06
CA ASP A 182 -16.12 -5.88 -8.45
C ASP A 182 -14.64 -5.94 -8.86
N VAL A 183 -14.20 -7.13 -9.27
CA VAL A 183 -12.85 -7.30 -9.80
C VAL A 183 -12.85 -6.96 -11.28
N GLY A 184 -11.78 -6.31 -11.75
CA GLY A 184 -11.75 -5.91 -13.14
C GLY A 184 -10.54 -6.42 -13.90
N VAL A 185 -10.22 -7.69 -13.70
CA VAL A 185 -9.07 -8.28 -14.37
C VAL A 185 -9.49 -9.01 -15.66
N ASP A 186 -10.79 -9.04 -15.97
CA ASP A 186 -11.33 -9.75 -17.13
C ASP A 186 -12.26 -8.86 -17.95
N ASN A 187 -12.03 -7.56 -17.95
CA ASN A 187 -12.83 -6.64 -18.73
C ASN A 187 -12.15 -6.33 -20.06
N ALA A 188 -12.73 -5.39 -20.81
CA ALA A 188 -12.22 -5.11 -22.14
C ALA A 188 -10.79 -4.59 -22.11
N GLY A 189 -10.52 -3.58 -21.27
CA GLY A 189 -9.16 -3.07 -21.17
C GLY A 189 -8.16 -4.13 -20.73
N ALA A 190 -8.59 -5.03 -19.84
CA ALA A 190 -7.71 -6.12 -19.43
C ALA A 190 -7.34 -6.98 -20.62
N LYS A 191 -8.36 -7.50 -21.33
CA LYS A 191 -8.12 -8.34 -22.50
C LYS A 191 -7.32 -7.59 -23.56
N ALA A 192 -7.66 -6.32 -23.79
CA ALA A 192 -6.92 -5.52 -24.76
C ALA A 192 -5.42 -5.51 -24.44
N GLY A 193 -5.06 -5.12 -23.22
CA GLY A 193 -3.65 -5.06 -22.86
C GLY A 193 -2.97 -6.42 -22.92
N LEU A 194 -3.63 -7.44 -22.37
CA LEU A 194 -2.98 -8.75 -22.34
C LEU A 194 -2.81 -9.29 -23.74
N THR A 195 -3.78 -9.03 -24.64
CA THR A 195 -3.65 -9.50 -26.01
C THR A 195 -2.44 -8.88 -26.69
N PHE A 196 -2.34 -7.54 -26.66
CA PHE A 196 -1.16 -6.89 -27.21
C PHE A 196 0.11 -7.52 -26.67
N LEU A 197 0.08 -7.98 -25.44
CA LEU A 197 1.25 -8.65 -24.89
C LEU A 197 1.48 -9.98 -25.59
N VAL A 198 0.44 -10.81 -25.71
CA VAL A 198 0.67 -12.14 -26.27
C VAL A 198 1.08 -12.04 -27.75
N ASP A 199 0.46 -11.12 -28.49
CA ASP A 199 0.80 -10.95 -29.90
C ASP A 199 2.31 -10.76 -30.07
N LEU A 200 2.90 -9.83 -29.31
CA LEU A 200 4.34 -9.57 -29.38
C LEU A 200 5.18 -10.84 -29.25
N ILE A 201 4.70 -11.85 -28.50
CA ILE A 201 5.44 -13.09 -28.36
C ILE A 201 5.19 -14.03 -29.54
N LYS A 202 3.91 -14.21 -29.90
CA LYS A 202 3.56 -14.98 -31.09
C LYS A 202 4.24 -14.42 -32.34
N ASN A 203 4.18 -13.10 -32.52
CA ASN A 203 4.80 -12.45 -33.68
C ASN A 203 6.32 -12.32 -33.52
N LYS A 204 6.94 -13.24 -32.76
CA LYS A 204 8.39 -13.40 -32.67
C LYS A 204 9.14 -12.08 -32.40
N HIS A 205 8.56 -11.26 -31.51
CA HIS A 205 9.18 -10.02 -31.03
C HIS A 205 9.60 -10.07 -29.56
N MET A 206 9.02 -10.98 -28.78
CA MET A 206 9.42 -11.23 -27.41
C MET A 206 9.44 -12.73 -27.18
N ASN A 207 10.22 -13.15 -26.19
CA ASN A 207 10.31 -14.55 -25.81
C ASN A 207 9.51 -14.76 -24.53
N ALA A 208 8.56 -15.70 -24.57
CA ALA A 208 7.63 -15.83 -23.45
C ALA A 208 8.28 -16.32 -22.16
N ASP A 209 9.52 -16.80 -22.21
CA ASP A 209 10.22 -17.24 -21.01
C ASP A 209 11.15 -16.15 -20.47
N THR A 210 10.91 -14.89 -20.85
CA THR A 210 11.78 -13.80 -20.42
C THR A 210 11.40 -13.39 -19.00
N ASP A 211 12.40 -13.38 -18.10
CA ASP A 211 12.20 -13.05 -16.70
C ASP A 211 13.10 -11.89 -16.30
N TYR A 212 13.29 -11.71 -14.99
CA TYR A 212 14.12 -10.62 -14.51
C TYR A 212 15.58 -10.81 -14.91
N SER A 213 16.10 -12.02 -14.74
CA SER A 213 17.55 -12.16 -14.93
C SER A 213 17.95 -12.18 -16.41
N ILE A 214 17.09 -12.70 -17.29
CA ILE A 214 17.36 -12.63 -18.72
C ILE A 214 17.45 -11.18 -19.16
N ALA A 215 16.36 -10.43 -18.94
CA ALA A 215 16.20 -9.12 -19.55
C ALA A 215 17.22 -8.13 -19.05
N GLU A 216 17.72 -8.30 -17.83
CA GLU A 216 18.77 -7.41 -17.35
C GLU A 216 20.13 -7.81 -17.92
N ALA A 217 20.45 -9.11 -17.91
CA ALA A 217 21.74 -9.57 -18.45
C ALA A 217 21.93 -9.11 -19.88
N ALA A 218 20.88 -9.20 -20.69
CA ALA A 218 20.90 -8.71 -22.06
C ALA A 218 21.16 -7.20 -22.09
N PHE A 219 20.23 -6.40 -21.55
CA PHE A 219 20.31 -4.94 -21.69
C PHE A 219 21.66 -4.40 -21.26
N ASN A 220 22.22 -4.93 -20.16
CA ASN A 220 23.46 -4.41 -19.61
C ASN A 220 24.69 -4.95 -20.32
N LYS A 221 24.53 -5.89 -21.25
CA LYS A 221 25.56 -6.30 -22.21
C LYS A 221 25.15 -5.94 -23.63
N GLY A 222 24.44 -4.83 -23.79
CA GLY A 222 24.07 -4.29 -25.10
C GLY A 222 22.90 -4.90 -25.85
N GLU A 223 22.70 -6.22 -25.74
CA GLU A 223 21.94 -7.01 -26.71
C GLU A 223 20.47 -6.65 -26.91
N THR A 224 19.95 -5.66 -26.19
CA THR A 224 18.58 -5.22 -26.41
C THR A 224 18.52 -3.72 -26.14
N ALA A 225 17.55 -3.07 -26.78
CA ALA A 225 17.51 -1.62 -26.86
C ALA A 225 16.70 -0.98 -25.74
N MET A 226 15.72 -1.69 -25.19
CA MET A 226 14.92 -1.16 -24.10
C MET A 226 14.70 -2.27 -23.06
N THR A 227 14.63 -1.86 -21.80
CA THR A 227 14.21 -2.70 -20.69
C THR A 227 13.17 -1.92 -19.90
N ILE A 228 12.46 -2.61 -19.01
CA ILE A 228 11.53 -1.95 -18.08
C ILE A 228 11.98 -2.30 -16.67
N ASN A 229 12.29 -1.28 -15.88
CA ASN A 229 12.82 -1.51 -14.54
C ASN A 229 12.75 -0.22 -13.73
N GLY A 230 13.02 -0.35 -12.44
CA GLY A 230 12.92 0.76 -11.51
C GLY A 230 14.31 1.29 -11.21
N PRO A 231 14.38 2.35 -10.40
CA PRO A 231 15.69 3.01 -10.17
C PRO A 231 16.74 2.12 -9.53
N TRP A 232 16.37 1.02 -8.88
CA TRP A 232 17.37 0.16 -8.29
C TRP A 232 18.30 -0.44 -9.33
N ALA A 233 17.96 -0.30 -10.61
CA ALA A 233 18.73 -0.89 -11.70
C ALA A 233 19.84 0.04 -12.15
N TRP A 234 19.55 1.34 -12.24
CA TRP A 234 20.43 2.33 -12.82
C TRP A 234 21.91 2.16 -12.47
N SER A 235 22.21 1.99 -11.18
CA SER A 235 23.59 1.96 -10.72
C SER A 235 24.38 0.76 -11.24
N ASN A 236 23.79 -0.01 -12.14
CA ASN A 236 24.45 -1.19 -12.69
C ASN A 236 24.63 -1.11 -14.20
N ILE A 237 23.73 -0.44 -14.92
CA ILE A 237 24.07 0.01 -16.27
C ILE A 237 25.25 0.98 -16.20
N ASP A 238 25.26 1.88 -15.20
CA ASP A 238 26.33 2.86 -15.01
C ASP A 238 27.72 2.19 -14.94
N THR A 239 27.77 0.88 -14.66
CA THR A 239 29.03 0.13 -14.56
C THR A 239 29.46 -0.48 -15.89
N SER A 240 28.63 -0.43 -16.94
CA SER A 240 28.76 -1.34 -18.07
C SER A 240 28.90 -0.63 -19.40
N LYS A 241 29.03 0.70 -19.41
CA LYS A 241 29.31 1.45 -20.64
C LYS A 241 28.25 1.18 -21.72
N VAL A 242 27.01 1.04 -21.27
CA VAL A 242 25.85 1.33 -22.11
C VAL A 242 25.49 2.77 -21.85
N ASN A 243 25.31 3.56 -22.90
CA ASN A 243 24.82 4.93 -22.72
C ASN A 243 23.30 4.86 -22.80
N TYR A 244 22.67 4.76 -21.63
CA TYR A 244 21.24 4.55 -21.54
C TYR A 244 20.52 5.84 -21.16
N GLY A 245 19.21 5.82 -21.40
CA GLY A 245 18.33 6.84 -20.89
C GLY A 245 17.13 6.20 -20.23
N VAL A 246 16.38 7.02 -19.51
CA VAL A 246 15.21 6.60 -18.77
C VAL A 246 14.10 7.58 -19.09
N THR A 247 12.94 7.07 -19.50
CA THR A 247 11.83 7.98 -19.85
C THR A 247 10.52 7.22 -19.68
N VAL A 248 9.43 7.95 -19.86
CA VAL A 248 8.03 7.53 -19.79
C VAL A 248 7.76 6.15 -20.40
N LEU A 249 6.93 5.36 -19.73
CA LEU A 249 6.51 4.08 -20.28
C LEU A 249 5.53 4.30 -21.43
N PRO A 250 5.68 3.53 -22.52
CA PRO A 250 4.87 3.77 -23.72
C PRO A 250 3.38 3.76 -23.42
N THR A 251 2.63 4.55 -24.19
CA THR A 251 1.19 4.47 -24.06
C THR A 251 0.67 3.27 -24.84
N PHE A 252 -0.51 2.80 -24.47
CA PHE A 252 -1.21 1.77 -25.22
C PHE A 252 -2.62 2.26 -25.44
N LYS A 253 -3.09 2.18 -26.70
CA LYS A 253 -4.38 2.76 -27.11
C LYS A 253 -4.49 4.19 -26.56
N GLY A 254 -3.35 4.89 -26.54
CA GLY A 254 -3.29 6.28 -26.15
C GLY A 254 -3.21 6.49 -24.65
N GLN A 255 -3.71 5.53 -23.87
CA GLN A 255 -3.72 5.62 -22.42
C GLN A 255 -2.31 5.38 -21.86
N PRO A 256 -1.97 6.02 -20.75
CA PRO A 256 -0.64 5.83 -20.16
C PRO A 256 -0.55 4.52 -19.39
N SER A 257 0.68 4.01 -19.31
CA SER A 257 0.92 2.82 -18.52
C SER A 257 0.82 3.10 -17.02
N LYS A 258 0.24 2.16 -16.28
CA LYS A 258 -0.06 2.32 -14.87
C LYS A 258 0.81 1.39 -14.01
N PRO A 259 2.08 1.73 -13.79
CA PRO A 259 2.88 0.92 -12.87
C PRO A 259 2.51 1.19 -11.42
N PHE A 260 2.94 0.28 -10.56
CA PHE A 260 2.61 0.36 -9.15
C PHE A 260 3.46 1.44 -8.50
N VAL A 261 2.80 2.45 -7.96
CA VAL A 261 3.50 3.56 -7.33
C VAL A 261 4.00 3.14 -5.96
N GLY A 262 5.22 3.54 -5.63
CA GLY A 262 5.78 3.31 -4.29
C GLY A 262 6.20 4.62 -3.64
N VAL A 263 5.91 4.74 -2.34
CA VAL A 263 6.00 6.01 -1.63
C VAL A 263 6.80 5.82 -0.34
N LEU A 264 7.68 6.79 -0.03
CA LEU A 264 8.18 6.95 1.34
C LEU A 264 7.26 7.93 2.06
N SER A 265 6.71 7.51 3.20
CA SER A 265 5.73 8.32 3.93
C SER A 265 6.20 8.62 5.34
N ALA A 266 5.67 9.73 5.88
CA ALA A 266 5.81 10.04 7.29
C ALA A 266 4.44 10.22 7.89
N GLY A 267 4.11 9.42 8.90
CA GLY A 267 2.81 9.52 9.52
C GLY A 267 3.00 9.82 10.98
N ILE A 268 1.98 10.39 11.58
CA ILE A 268 2.05 10.81 12.97
C ILE A 268 1.24 9.79 13.75
N ASN A 269 1.91 9.13 14.70
CA ASN A 269 1.27 8.12 15.53
C ASN A 269 -0.02 8.67 16.16
N ALA A 270 -1.11 7.94 15.98
CA ALA A 270 -2.39 8.37 16.49
C ALA A 270 -2.40 8.49 18.01
N ALA A 271 -1.43 7.88 18.68
CA ALA A 271 -1.31 7.89 20.12
C ALA A 271 -0.27 8.89 20.63
N SER A 272 0.47 9.55 19.74
CA SER A 272 1.44 10.54 20.18
C SER A 272 0.76 11.66 20.94
N PRO A 273 1.25 12.02 22.13
CA PRO A 273 0.92 13.31 22.73
C PRO A 273 1.69 14.49 22.15
N ASN A 274 2.32 14.34 20.99
CA ASN A 274 3.20 15.34 20.44
C ASN A 274 2.84 15.66 19.00
N LYS A 275 1.54 15.60 18.67
CA LYS A 275 1.15 15.67 17.26
C LYS A 275 1.47 17.03 16.69
N GLU A 276 1.28 18.08 17.49
CA GLU A 276 1.58 19.42 17.03
C GLU A 276 3.09 19.62 16.89
N LEU A 277 3.87 19.22 17.88
CA LEU A 277 5.32 19.14 17.69
C LEU A 277 5.68 18.39 16.40
N ALA A 278 5.05 17.23 16.19
CA ALA A 278 5.34 16.44 15.00
C ALA A 278 5.00 17.20 13.73
N LYS A 279 3.81 17.82 13.68
CA LYS A 279 3.44 18.63 12.52
C LYS A 279 4.45 19.75 12.28
N GLU A 280 4.94 20.36 13.35
CA GLU A 280 5.91 21.43 13.19
C GLU A 280 7.20 20.93 12.59
N PHE A 281 7.73 19.81 13.12
CA PHE A 281 8.97 19.26 12.57
C PHE A 281 8.83 18.84 11.11
N LEU A 282 7.72 18.20 10.75
CA LEU A 282 7.66 17.65 9.41
C LEU A 282 7.47 18.76 8.38
N GLU A 283 6.56 19.70 8.64
CA GLU A 283 6.22 20.75 7.68
C GLU A 283 7.29 21.86 7.60
N ASN A 284 7.97 22.19 8.69
CA ASN A 284 8.86 23.34 8.70
C ASN A 284 10.33 22.98 8.77
N TYR A 285 10.66 21.70 8.89
CA TYR A 285 12.07 21.32 8.98
C TYR A 285 12.41 20.23 7.98
N LEU A 286 11.62 19.15 7.93
CA LEU A 286 11.92 18.09 6.98
C LEU A 286 11.47 18.42 5.57
N LEU A 287 10.20 18.77 5.39
CA LEU A 287 9.67 18.99 4.04
C LEU A 287 10.09 20.36 3.50
N THR A 288 11.40 20.54 3.48
CA THR A 288 12.07 21.75 3.02
C THR A 288 13.32 21.33 2.27
N ASP A 289 13.71 22.12 1.27
CA ASP A 289 14.87 21.78 0.46
C ASP A 289 16.07 21.43 1.32
N GLU A 290 16.38 22.28 2.30
CA GLU A 290 17.52 21.99 3.15
C GLU A 290 17.33 20.65 3.89
N GLY A 291 16.09 20.31 4.22
CA GLY A 291 15.83 19.08 4.96
C GLY A 291 15.96 17.83 4.10
N LEU A 292 15.28 17.80 2.94
CA LEU A 292 15.39 16.64 2.06
C LEU A 292 16.81 16.50 1.51
N GLU A 293 17.44 17.61 1.07
CA GLU A 293 18.85 17.55 0.68
C GLU A 293 19.70 16.85 1.73
N ALA A 294 19.29 16.89 3.00
CA ALA A 294 20.13 16.35 4.06
C ALA A 294 19.99 14.85 4.19
N VAL A 295 18.79 14.32 3.97
CA VAL A 295 18.64 12.86 3.97
C VAL A 295 19.13 12.28 2.65
N ASN A 296 18.86 13.00 1.55
CA ASN A 296 19.38 12.60 0.24
C ASN A 296 20.90 12.46 0.23
N LYS A 297 21.62 13.38 0.88
CA LYS A 297 23.07 13.22 0.97
C LYS A 297 23.45 11.93 1.67
N ASP A 298 22.63 11.47 2.62
CA ASP A 298 22.92 10.21 3.32
C ASP A 298 22.60 9.00 2.44
N LYS A 299 21.40 8.97 1.83
CA LYS A 299 20.93 7.92 0.94
C LYS A 299 19.91 8.54 -0.01
N PRO A 300 20.14 8.50 -1.32
CA PRO A 300 19.26 9.23 -2.25
C PRO A 300 17.80 8.86 -2.12
N LEU A 301 16.94 9.87 -2.14
CA LEU A 301 15.51 9.61 -2.07
C LEU A 301 14.88 9.32 -3.42
N GLY A 302 15.64 9.41 -4.52
CA GLY A 302 14.99 9.37 -5.81
C GLY A 302 14.14 10.61 -5.99
N ALA A 303 12.98 10.45 -6.62
CA ALA A 303 12.06 11.58 -6.80
C ALA A 303 11.36 11.91 -5.49
N VAL A 304 11.18 13.20 -5.21
CA VAL A 304 10.53 13.63 -3.97
C VAL A 304 9.28 14.42 -4.33
N ALA A 305 8.34 14.51 -3.37
CA ALA A 305 7.03 15.12 -3.62
C ALA A 305 7.01 16.63 -3.38
N LEU A 306 8.04 17.18 -2.74
CA LEU A 306 8.17 18.61 -2.53
C LEU A 306 8.60 19.25 -3.84
N LYS A 307 7.66 19.92 -4.52
CA LYS A 307 7.88 20.57 -5.80
C LYS A 307 9.17 21.37 -5.85
N SER A 308 9.32 22.27 -4.88
CA SER A 308 10.58 22.96 -4.60
C SER A 308 11.84 22.12 -4.86
N TYR A 309 11.97 20.96 -4.21
CA TYR A 309 13.15 20.12 -4.36
C TYR A 309 13.12 19.32 -5.65
N GLU A 310 11.93 18.86 -6.03
CA GLU A 310 11.83 18.03 -7.22
C GLU A 310 12.32 18.77 -8.44
N GLU A 311 12.03 20.08 -8.52
CA GLU A 311 12.46 20.87 -9.67
C GLU A 311 13.98 20.93 -9.76
N GLU A 312 14.68 20.97 -8.61
CA GLU A 312 16.13 20.85 -8.64
C GLU A 312 16.57 19.45 -9.05
N LEU A 313 15.99 18.42 -8.41
CA LEU A 313 16.46 17.05 -8.62
C LEU A 313 16.20 16.57 -10.03
N ALA A 314 15.11 17.04 -10.66
CA ALA A 314 14.78 16.63 -12.04
C ALA A 314 15.75 17.19 -13.08
N LYS A 315 16.81 17.89 -12.64
CA LYS A 315 17.97 18.19 -13.47
C LYS A 315 18.86 16.94 -13.53
N ASP A 316 18.21 15.81 -13.66
CA ASP A 316 18.68 14.44 -13.81
C ASP A 316 17.48 13.73 -14.43
N PRO A 317 17.37 13.67 -15.75
CA PRO A 317 16.08 13.33 -16.37
C PRO A 317 15.60 11.92 -16.05
N ARG A 318 16.46 11.06 -15.51
CA ARG A 318 16.00 9.78 -14.95
C ARG A 318 15.05 10.03 -13.76
N ILE A 319 15.52 10.79 -12.77
CA ILE A 319 14.67 11.19 -11.65
C ILE A 319 13.43 11.90 -12.16
N ALA A 320 13.55 12.64 -13.27
CA ALA A 320 12.38 13.29 -13.83
C ALA A 320 11.45 12.27 -14.49
N ALA A 321 11.99 11.14 -14.94
CA ALA A 321 11.16 10.11 -15.54
C ALA A 321 10.41 9.32 -14.48
N THR A 322 11.09 9.01 -13.38
CA THR A 322 10.45 8.33 -12.26
C THR A 322 9.16 9.05 -11.88
N MET A 323 9.26 10.36 -11.70
CA MET A 323 8.11 11.17 -11.26
C MET A 323 6.98 11.12 -12.29
N GLU A 324 7.33 11.20 -13.57
CA GLU A 324 6.30 11.21 -14.59
C GLU A 324 5.59 9.86 -14.68
N ASN A 325 6.33 8.78 -14.48
CA ASN A 325 5.69 7.47 -14.55
C ASN A 325 4.81 7.20 -13.35
N ALA A 326 5.01 7.93 -12.27
CA ALA A 326 4.22 7.73 -11.07
C ALA A 326 2.93 8.55 -11.02
N GLN A 327 2.85 9.70 -11.72
CA GLN A 327 1.64 10.51 -11.61
C GLN A 327 0.42 9.78 -12.14
N LYS A 328 0.62 8.90 -13.12
CA LYS A 328 -0.49 8.19 -13.75
C LYS A 328 -0.56 6.73 -13.32
N GLY A 329 0.27 6.33 -12.35
CA GLY A 329 0.37 4.94 -11.93
C GLY A 329 -0.68 4.54 -10.91
N GLU A 330 -0.54 3.28 -10.45
CA GLU A 330 -1.52 2.62 -9.57
C GLU A 330 -1.22 2.87 -8.09
N ILE A 331 -2.27 3.21 -7.34
CA ILE A 331 -2.26 3.26 -5.90
C ILE A 331 -3.11 2.07 -5.42
N MET A 332 -2.44 1.04 -5.00
CA MET A 332 -2.95 -0.28 -4.64
C MET A 332 -3.37 -0.32 -3.17
N PRO A 333 -4.60 -0.73 -2.83
CA PRO A 333 -4.99 -0.79 -1.42
C PRO A 333 -4.30 -1.92 -0.69
N ASN A 334 -4.15 -1.75 0.62
CA ASN A 334 -3.49 -2.76 1.45
C ASN A 334 -4.54 -3.71 1.98
N ILE A 335 -4.64 -4.88 1.35
CA ILE A 335 -5.51 -5.94 1.81
C ILE A 335 -4.64 -7.16 2.08
N PRO A 336 -4.83 -7.84 3.22
CA PRO A 336 -3.96 -8.97 3.53
C PRO A 336 -4.10 -10.08 2.50
N GLN A 337 -2.99 -10.77 2.26
CA GLN A 337 -2.96 -11.96 1.40
C GLN A 337 -3.24 -11.65 -0.07
N MET A 338 -3.03 -10.41 -0.53
CA MET A 338 -3.14 -10.11 -1.95
C MET A 338 -2.19 -10.92 -2.81
N SER A 339 -1.13 -11.50 -2.22
CA SER A 339 -0.20 -12.25 -3.03
C SER A 339 -0.93 -13.33 -3.82
N ALA A 340 -1.96 -13.92 -3.22
CA ALA A 340 -2.72 -14.95 -3.91
C ALA A 340 -3.50 -14.34 -5.06
N PHE A 341 -4.03 -13.13 -4.85
CA PHE A 341 -4.72 -12.44 -5.93
C PHE A 341 -3.80 -12.25 -7.12
N TRP A 342 -2.62 -11.71 -6.91
CA TRP A 342 -1.72 -11.55 -8.04
C TRP A 342 -1.20 -12.88 -8.55
N TYR A 343 -1.34 -13.95 -7.77
CA TYR A 343 -0.94 -15.26 -8.28
C TYR A 343 -1.92 -15.72 -9.36
N ALA A 344 -3.22 -15.43 -9.17
CA ALA A 344 -4.19 -15.66 -10.23
C ALA A 344 -3.75 -14.96 -11.52
N VAL A 345 -3.52 -13.65 -11.43
CA VAL A 345 -3.13 -12.89 -12.60
C VAL A 345 -1.81 -13.39 -13.18
N ARG A 346 -0.89 -13.82 -12.31
CA ARG A 346 0.40 -14.27 -12.84
C ARG A 346 0.25 -15.52 -13.69
N THR A 347 -0.49 -16.54 -13.22
CA THR A 347 -0.57 -17.77 -14.01
C THR A 347 -1.29 -17.50 -15.31
N ALA A 348 -2.32 -16.64 -15.30
CA ALA A 348 -2.99 -16.27 -16.54
C ALA A 348 -1.98 -15.70 -17.55
N VAL A 349 -1.26 -14.62 -17.19
CA VAL A 349 -0.29 -14.04 -18.11
C VAL A 349 0.74 -15.07 -18.58
N ILE A 350 1.13 -16.00 -17.68
CA ILE A 350 2.06 -17.05 -18.08
C ILE A 350 1.44 -18.00 -19.09
N ASN A 351 0.13 -18.25 -18.98
CA ASN A 351 -0.54 -19.21 -19.85
C ASN A 351 -0.90 -18.60 -21.20
N ALA A 352 -1.43 -17.38 -21.22
CA ALA A 352 -1.71 -16.71 -22.49
C ALA A 352 -0.46 -16.61 -23.34
N ALA A 353 0.65 -16.16 -22.75
CA ALA A 353 1.91 -16.12 -23.51
C ALA A 353 2.44 -17.52 -23.80
N SER A 354 2.04 -18.53 -23.03
CA SER A 354 2.43 -19.89 -23.35
C SER A 354 1.71 -20.39 -24.60
N GLY A 355 0.53 -19.82 -24.89
CA GLY A 355 -0.40 -20.45 -25.78
C GLY A 355 -1.25 -21.52 -25.12
N ARG A 356 -0.81 -22.04 -23.97
CA ARG A 356 -1.59 -22.99 -23.20
C ARG A 356 -3.04 -22.56 -23.03
N GLN A 357 -3.37 -21.28 -23.22
CA GLN A 357 -4.75 -20.80 -23.08
C GLN A 357 -4.94 -19.59 -23.99
N THR A 358 -6.19 -19.34 -24.35
CA THR A 358 -6.49 -18.10 -25.05
C THR A 358 -6.65 -16.96 -24.05
N VAL A 359 -6.24 -15.76 -24.48
CA VAL A 359 -6.33 -14.59 -23.62
C VAL A 359 -7.69 -14.49 -22.94
N ASP A 360 -8.76 -14.64 -23.71
CA ASP A 360 -10.09 -14.49 -23.12
C ASP A 360 -10.34 -15.49 -22.01
N GLU A 361 -9.74 -16.69 -22.07
CA GLU A 361 -10.10 -17.75 -21.13
C GLU A 361 -9.06 -18.00 -20.04
N ALA A 362 -7.86 -17.44 -20.18
CA ALA A 362 -6.99 -17.31 -19.01
C ALA A 362 -7.50 -16.22 -18.07
N LEU A 363 -7.85 -15.05 -18.64
CA LEU A 363 -8.36 -13.93 -17.85
C LEU A 363 -9.72 -14.22 -17.22
N LYS A 364 -10.48 -15.19 -17.74
CA LYS A 364 -11.68 -15.60 -17.02
C LYS A 364 -11.32 -16.50 -15.85
N ASP A 365 -10.28 -17.32 -16.00
CA ASP A 365 -9.81 -18.12 -14.86
C ASP A 365 -9.23 -17.22 -13.77
N ALA A 366 -8.47 -16.20 -14.16
CA ALA A 366 -8.04 -15.16 -13.24
C ALA A 366 -9.22 -14.56 -12.47
N GLN A 367 -10.19 -14.01 -13.20
CA GLN A 367 -11.29 -13.31 -12.52
C GLN A 367 -12.01 -14.19 -11.51
N THR A 368 -12.11 -15.49 -11.76
CA THR A 368 -12.91 -16.32 -10.87
C THR A 368 -12.09 -16.91 -9.73
N ASN A 369 -10.78 -17.13 -9.96
CA ASN A 369 -9.86 -17.48 -8.88
C ASN A 369 -9.69 -16.32 -7.90
N ALA A 370 -9.30 -15.19 -8.44
CA ALA A 370 -9.11 -14.02 -7.67
C ALA A 370 -10.32 -13.78 -6.84
N ALA A 371 -11.47 -13.97 -7.42
CA ALA A 371 -12.70 -13.72 -6.74
C ALA A 371 -12.98 -14.74 -5.70
N ALA A 372 -12.40 -15.90 -5.86
CA ALA A 372 -12.61 -16.96 -4.91
C ALA A 372 -11.67 -16.82 -3.73
N HIS A 373 -10.61 -16.08 -3.92
CA HIS A 373 -9.68 -15.85 -2.86
C HIS A 373 -10.24 -14.78 -1.98
N MET A 374 -10.96 -13.84 -2.54
CA MET A 374 -11.48 -12.75 -1.78
C MET A 374 -12.66 -13.18 -1.00
N ARG A 375 -13.29 -14.24 -1.46
CA ARG A 375 -14.44 -14.77 -0.82
C ARG A 375 -14.00 -15.56 0.36
N GLY A 376 -12.90 -16.25 0.20
CA GLY A 376 -12.36 -17.02 1.26
C GLY A 376 -11.81 -16.13 2.31
N PHE A 377 -11.14 -15.08 1.90
CA PHE A 377 -10.58 -14.15 2.83
C PHE A 377 -11.66 -13.56 3.69
N ILE A 378 -12.74 -13.15 3.08
CA ILE A 378 -13.80 -12.55 3.90
C ILE A 378 -14.49 -13.60 4.75
N ASP A 379 -14.56 -14.85 4.28
CA ASP A 379 -15.06 -15.92 5.15
C ASP A 379 -14.20 -16.03 6.41
N TYR A 380 -12.89 -15.80 6.28
CA TYR A 380 -12.03 -15.79 7.45
C TYR A 380 -12.23 -14.53 8.28
N ILE A 381 -12.21 -13.35 7.64
CA ILE A 381 -12.48 -12.14 8.42
C ILE A 381 -13.78 -12.30 9.20
N LYS A 382 -14.75 -12.98 8.59
CA LYS A 382 -16.06 -13.13 9.19
C LYS A 382 -16.05 -14.14 10.32
N SER A 383 -15.36 -15.27 10.13
CA SER A 383 -15.31 -16.30 11.16
C SER A 383 -14.53 -15.84 12.39
N SER A 384 -13.34 -15.23 12.19
CA SER A 384 -12.56 -14.87 13.37
C SER A 384 -13.14 -13.67 14.12
N ASN A 385 -13.98 -12.85 13.48
CA ASN A 385 -14.78 -11.89 14.26
C ASN A 385 -15.87 -12.61 15.06
N GLU A 386 -16.61 -13.54 14.41
CA GLU A 386 -17.61 -14.30 15.14
C GLU A 386 -17.00 -15.03 16.33
N GLN A 387 -15.84 -15.66 16.13
CA GLN A 387 -15.15 -16.30 17.23
C GLN A 387 -14.93 -15.32 18.39
N ARG A 388 -14.41 -14.14 18.06
CA ARG A 388 -14.08 -13.16 19.09
C ARG A 388 -15.31 -12.75 19.88
N ILE A 389 -16.42 -12.50 19.19
CA ILE A 389 -17.61 -12.00 19.87
C ILE A 389 -18.31 -13.11 20.64
N ASN A 390 -18.31 -14.34 20.12
CA ASN A 390 -18.88 -15.43 20.91
C ASN A 390 -18.08 -15.59 22.19
N MET A 391 -16.77 -15.41 22.09
CA MET A 391 -15.90 -15.46 23.26
C MET A 391 -16.17 -14.29 24.21
N LEU A 392 -16.21 -13.05 23.71
CA LEU A 392 -16.56 -11.92 24.58
C LEU A 392 -17.89 -12.17 25.29
N SER A 393 -18.83 -12.83 24.60
CA SER A 393 -20.13 -13.14 25.16
C SER A 393 -20.02 -14.17 26.28
N GLU A 394 -19.41 -15.32 25.99
CA GLU A 394 -19.26 -16.34 27.02
C GLU A 394 -18.55 -15.77 28.24
N ALA A 395 -17.54 -14.93 28.02
CA ALA A 395 -16.85 -14.31 29.15
C ALA A 395 -17.80 -13.46 29.97
N LEU A 396 -18.50 -12.52 29.33
CA LEU A 396 -19.37 -11.61 30.07
C LEU A 396 -20.49 -12.36 30.79
N GLU A 397 -20.92 -13.50 30.23
CA GLU A 397 -21.88 -14.36 30.92
C GLU A 397 -21.34 -14.80 32.27
N GLU A 398 -20.16 -15.42 32.30
CA GLU A 398 -19.56 -15.87 33.56
C GLU A 398 -19.24 -14.71 34.49
N GLN A 399 -18.86 -13.54 33.96
CA GLN A 399 -18.64 -12.40 34.83
C GLN A 399 -19.92 -11.96 35.53
N TYR A 400 -21.05 -12.00 34.82
CA TYR A 400 -22.31 -11.59 35.47
C TYR A 400 -22.71 -12.62 36.51
N SER A 401 -22.58 -13.90 36.19
CA SER A 401 -22.95 -14.97 37.11
C SER A 401 -22.12 -14.97 38.40
N HIS A 402 -21.03 -14.19 38.45
CA HIS A 402 -20.29 -13.95 39.68
C HIS A 402 -20.81 -12.69 40.38
N HIS A 403 -20.71 -11.54 39.72
CA HIS A 403 -21.07 -10.29 40.37
C HIS A 403 -22.57 -10.18 40.59
N GLY A 404 -23.36 -10.47 39.57
CA GLY A 404 -24.81 -10.31 39.67
C GLY A 404 -25.31 -8.95 39.23
N ASN A 405 -24.47 -8.15 38.58
CA ASN A 405 -24.81 -6.78 38.21
C ASN A 405 -23.71 -6.28 37.28
N TRP A 406 -23.97 -5.14 36.67
CA TRP A 406 -23.04 -4.53 35.74
C TRP A 406 -22.12 -3.51 36.40
N ILE A 407 -21.92 -3.62 37.72
CA ILE A 407 -21.05 -2.65 38.40
C ILE A 407 -19.63 -2.75 37.85
N PHE A 408 -19.17 -3.97 37.57
CA PHE A 408 -17.76 -4.16 37.22
C PHE A 408 -17.45 -3.54 35.88
N LEU A 409 -18.39 -3.57 34.93
CA LEU A 409 -18.21 -2.89 33.66
C LEU A 409 -18.24 -1.38 33.79
N GLN A 414 -11.62 0.54 29.94
CA GLN A 414 -11.07 -0.51 29.07
C GLN A 414 -10.89 -1.85 29.82
N VAL A 415 -11.75 -2.10 30.80
CA VAL A 415 -11.80 -3.39 31.50
C VAL A 415 -12.34 -4.54 30.64
N VAL A 416 -12.94 -4.27 29.48
CA VAL A 416 -13.55 -5.35 28.72
C VAL A 416 -12.48 -6.23 28.08
N TYR A 417 -11.31 -5.65 27.78
CA TYR A 417 -10.23 -6.44 27.22
C TYR A 417 -9.62 -7.37 28.28
N GLN A 418 -9.48 -6.90 29.52
CA GLN A 418 -9.01 -7.78 30.59
C GLN A 418 -9.95 -8.97 30.78
N ILE A 419 -11.25 -8.72 30.76
CA ILE A 419 -12.22 -9.80 30.92
C ILE A 419 -12.03 -10.86 29.82
N MET A 420 -11.83 -10.42 28.58
CA MET A 420 -11.59 -11.37 27.50
C MET A 420 -10.29 -12.13 27.72
N ARG A 421 -9.18 -11.40 27.91
CA ARG A 421 -7.90 -12.01 28.19
C ARG A 421 -7.98 -12.99 29.35
N SER A 422 -8.61 -12.58 30.46
CA SER A 422 -8.74 -13.49 31.59
C SER A 422 -9.52 -14.75 31.23
N PHE A 423 -10.66 -14.60 30.53
CA PHE A 423 -11.49 -15.76 30.20
C PHE A 423 -10.72 -16.74 29.31
N GLU A 424 -9.97 -16.20 28.33
CA GLU A 424 -9.19 -17.03 27.43
C GLU A 424 -8.07 -17.76 28.17
N GLN A 425 -7.33 -17.03 29.00
CA GLN A 425 -6.29 -17.67 29.80
C GLN A 425 -6.87 -18.82 30.61
N ASN A 426 -7.96 -18.56 31.36
CA ASN A 426 -8.54 -19.59 32.23
C ASN A 426 -9.04 -20.81 31.45
N SER A 427 -9.34 -20.66 30.17
CA SER A 427 -9.83 -21.78 29.36
C SER A 427 -8.75 -22.41 28.53
N ASP A 428 -7.50 -21.96 28.67
CA ASP A 428 -6.40 -22.42 27.83
C ASP A 428 -6.72 -22.22 26.36
N SER A 429 -7.47 -21.16 26.05
CA SER A 429 -7.97 -20.94 24.70
C SER A 429 -6.96 -20.09 23.93
N SER A 430 -6.53 -20.59 22.77
CA SER A 430 -5.53 -19.89 21.98
C SER A 430 -6.07 -19.66 20.56
N HIS A 431 -6.56 -18.46 20.28
CA HIS A 431 -7.03 -18.15 18.94
C HIS A 431 -6.53 -16.78 18.53
N ASN A 432 -6.40 -16.55 17.24
CA ASN A 432 -5.88 -15.30 16.76
C ASN A 432 -6.98 -14.32 16.43
N LEU A 433 -6.83 -13.07 16.90
CA LEU A 433 -7.69 -11.98 16.46
C LEU A 433 -7.60 -11.82 14.95
N PRO A 434 -8.60 -11.21 14.34
CA PRO A 434 -8.53 -10.97 12.90
C PRO A 434 -7.50 -9.89 12.61
N PRO A 435 -7.00 -9.80 11.38
CA PRO A 435 -5.95 -8.83 11.06
C PRO A 435 -6.33 -7.44 11.53
N LYS A 436 -5.36 -6.72 12.06
CA LYS A 436 -5.62 -5.37 12.53
C LYS A 436 -6.19 -4.53 11.39
N GLY A 437 -7.31 -3.85 11.65
CA GLY A 437 -8.05 -3.10 10.67
C GLY A 437 -9.24 -3.82 10.07
N TRP A 438 -9.39 -5.11 10.30
CA TRP A 438 -10.49 -5.90 9.77
C TRP A 438 -11.33 -6.48 10.91
N ARG A 439 -11.52 -5.73 11.97
CA ARG A 439 -12.25 -6.17 13.15
C ARG A 439 -13.51 -5.35 13.33
N THR A 440 -14.63 -6.04 13.51
CA THR A 440 -15.91 -5.37 13.64
C THR A 440 -16.07 -4.85 15.07
N GLN A 441 -16.82 -3.75 15.19
CA GLN A 441 -16.99 -3.12 16.49
C GLN A 441 -17.92 -3.94 17.37
N PHE A 442 -17.84 -3.67 18.67
CA PHE A 442 -18.78 -4.28 19.58
C PHE A 442 -19.10 -3.28 20.67
N TRP A 443 -20.26 -3.50 21.30
CA TRP A 443 -20.78 -2.70 22.40
C TRP A 443 -21.39 -3.66 23.41
N VAL A 444 -21.47 -3.22 24.66
CA VAL A 444 -22.19 -3.97 25.69
C VAL A 444 -23.27 -3.05 26.25
N VAL A 445 -24.50 -3.58 26.37
CA VAL A 445 -25.64 -2.81 26.87
C VAL A 445 -26.41 -3.62 27.90
N ASP A 446 -26.99 -2.95 28.90
CA ASP A 446 -27.81 -3.64 29.88
C ASP A 446 -29.13 -4.06 29.22
N SER A 447 -30.09 -4.54 30.02
CA SER A 447 -31.33 -5.10 29.44
C SER A 447 -32.30 -4.03 28.94
N GLN A 448 -32.15 -2.79 29.37
CA GLN A 448 -32.91 -1.68 28.81
C GLN A 448 -32.13 -0.93 27.73
N PHE A 449 -31.13 -1.60 27.14
CA PHE A 449 -30.33 -1.05 26.05
C PHE A 449 -29.65 0.27 26.41
N ASN A 450 -29.20 0.38 27.65
CA ASN A 450 -28.31 1.48 28.04
C ASN A 450 -26.86 1.03 27.83
N ARG A 451 -26.05 1.93 27.27
CA ARG A 451 -24.67 1.61 26.89
C ARG A 451 -23.77 1.53 28.14
N LEU A 452 -23.37 0.30 28.53
CA LEU A 452 -22.39 0.12 29.60
C LEU A 452 -20.97 0.28 29.09
N VAL A 453 -20.65 -0.43 28.02
CA VAL A 453 -19.33 -0.40 27.41
C VAL A 453 -19.52 -0.36 25.91
N GLY A 454 -18.85 0.58 25.26
CA GLY A 454 -19.16 0.76 23.86
C GLY A 454 -18.24 1.74 23.17
N HIS A 455 -17.91 1.42 21.92
CA HIS A 455 -17.03 2.23 21.10
C HIS A 455 -17.66 3.61 20.86
N SER A 456 -18.79 3.89 21.55
CA SER A 456 -19.30 5.20 21.92
C SER A 456 -20.11 5.92 20.85
N GLY A 457 -20.17 5.37 19.64
CA GLY A 457 -21.07 5.91 18.63
C GLY A 457 -22.48 5.52 19.06
N PRO A 458 -23.49 6.13 18.46
CA PRO A 458 -24.86 5.63 18.67
C PRO A 458 -24.91 4.18 18.22
N LEU A 459 -25.48 3.33 19.07
CA LEU A 459 -25.49 1.91 18.81
C LEU A 459 -26.15 1.60 17.46
N PRO A 460 -25.81 0.46 16.86
CA PRO A 460 -26.54 0.01 15.67
C PRO A 460 -28.00 -0.27 16.03
N LYS A 461 -28.90 0.17 15.14
CA LYS A 461 -30.32 -0.13 15.32
C LYS A 461 -30.55 -1.63 15.35
N GLU A 462 -29.94 -2.36 14.42
CA GLU A 462 -30.07 -3.79 14.28
C GLU A 462 -28.68 -4.38 14.06
N GLY A 463 -28.64 -5.70 13.86
CA GLY A 463 -27.40 -6.40 13.70
C GLY A 463 -27.21 -7.46 14.78
N PRO A 464 -26.17 -8.29 14.65
CA PRO A 464 -25.96 -9.38 15.60
C PRO A 464 -25.89 -8.86 17.04
N ARG A 465 -26.41 -9.67 17.95
CA ARG A 465 -26.56 -9.26 19.35
C ARG A 465 -26.88 -10.47 20.19
N HIS A 466 -26.15 -10.63 21.30
CA HIS A 466 -26.16 -11.87 22.04
C HIS A 466 -26.61 -11.59 23.46
N PRO A 467 -27.64 -12.27 23.95
CA PRO A 467 -28.15 -11.96 25.29
C PRO A 467 -27.29 -12.59 26.37
N ILE A 468 -27.05 -11.81 27.41
CA ILE A 468 -26.49 -12.32 28.64
C ILE A 468 -27.66 -12.68 29.55
N ARG A 469 -27.60 -13.84 30.17
CA ARG A 469 -28.68 -14.28 31.03
C ARG A 469 -28.35 -14.66 32.47
N TYR A 470 -29.16 -14.17 33.37
CA TYR A 470 -29.04 -14.45 34.78
C TYR A 470 -30.45 -14.82 35.13
N ASN A 471 -30.66 -15.43 36.28
CA ASN A 471 -31.97 -15.82 36.75
C ASN A 471 -32.73 -16.50 35.64
N ASN A 472 -33.94 -16.05 35.41
CA ASN A 472 -34.75 -16.50 34.33
C ASN A 472 -34.94 -15.35 33.37
N GLU A 473 -34.12 -14.32 33.50
CA GLU A 473 -34.19 -13.09 32.77
C GLU A 473 -32.97 -12.76 31.96
N ILE A 474 -33.12 -11.82 31.04
CA ILE A 474 -32.05 -11.34 30.19
C ILE A 474 -31.55 -10.03 30.76
N VAL A 475 -30.26 -9.98 31.12
CA VAL A 475 -29.68 -8.82 31.80
C VAL A 475 -28.90 -7.90 30.85
N GLY A 476 -28.46 -8.39 29.70
CA GLY A 476 -27.79 -7.50 28.79
C GLY A 476 -27.56 -8.16 27.44
N TRP A 477 -27.00 -7.35 26.54
CA TRP A 477 -26.69 -7.80 25.19
C TRP A 477 -25.27 -7.40 24.82
N VAL A 478 -24.62 -8.27 24.07
CA VAL A 478 -23.37 -7.96 23.39
C VAL A 478 -23.74 -7.65 21.93
N LEU A 479 -23.56 -6.40 21.51
CA LEU A 479 -23.90 -5.96 20.16
C LEU A 479 -22.65 -5.85 19.31
N THR A 480 -22.58 -6.63 18.22
CA THR A 480 -21.57 -6.38 17.20
C THR A 480 -22.25 -6.08 15.86
N THR A 481 -21.58 -6.41 14.75
CA THR A 481 -21.90 -5.83 13.46
C THR A 481 -21.51 -6.84 12.38
N PRO A 482 -22.21 -6.86 11.26
CA PRO A 482 -21.76 -7.71 10.15
C PRO A 482 -20.46 -7.16 9.56
N VAL A 483 -19.74 -8.07 8.91
CA VAL A 483 -18.44 -7.71 8.35
C VAL A 483 -18.56 -6.56 7.36
N GLU A 484 -19.69 -6.47 6.64
CA GLU A 484 -19.83 -5.47 5.59
C GLU A 484 -19.94 -4.05 6.15
N ARG A 485 -20.37 -3.88 7.39
CA ARG A 485 -20.42 -2.54 7.96
C ARG A 485 -19.04 -2.03 8.33
N LEU A 486 -17.99 -2.77 8.03
CA LEU A 486 -16.63 -2.23 8.04
C LEU A 486 -16.46 -1.19 6.93
N THR A 487 -17.49 -1.01 6.11
CA THR A 487 -17.48 0.04 5.09
C THR A 487 -17.46 1.43 5.73
N ARG A 488 -18.22 1.62 6.81
CA ARG A 488 -18.44 2.95 7.35
C ARG A 488 -17.22 3.53 8.06
N ASN A 489 -16.16 2.74 8.21
CA ASN A 489 -14.91 3.23 8.77
C ASN A 489 -13.73 3.07 7.82
N THR A 490 -13.87 2.34 6.73
CA THR A 490 -12.71 2.03 5.90
C THR A 490 -12.93 2.51 4.47
N ASP A 491 -11.91 2.27 3.62
CA ASP A 491 -12.02 2.50 2.18
C ASP A 491 -12.42 1.24 1.42
N ILE A 492 -13.10 0.30 2.09
CA ILE A 492 -13.42 -1.01 1.51
C ILE A 492 -14.93 -1.15 1.45
N ASN A 493 -15.41 -1.65 0.32
CA ASN A 493 -16.83 -1.89 0.08
C ASN A 493 -17.02 -3.37 -0.23
N PHE A 494 -17.99 -3.99 0.44
CA PHE A 494 -18.23 -5.42 0.30
C PHE A 494 -19.42 -5.75 -0.59
N ASP A 495 -19.71 -4.92 -1.60
CA ASP A 495 -20.84 -5.15 -2.52
C ASP A 495 -20.42 -5.00 -4.00
#